data_8QH2
#
_entry.id   8QH2
#
_cell.length_a   113.523
_cell.length_b   113.523
_cell.length_c   43.966
_cell.angle_alpha   90.000
_cell.angle_beta   90.000
_cell.angle_gamma   90.000
#
_symmetry.space_group_name_H-M   'P 41'
#
_entity_poly.entity_id   1
_entity_poly.type   'polypeptide(L)'
_entity_poly.pdbx_seq_one_letter_code
;GPELMNINDLKLTLSKAGQEHLLRFWNELEEAQQVELYAELQAMNFEELNFFFQKAIEGFARPHGPPPDLAARLRPLPPE
RVGRASRSDPETRRRWEEEGFRQISLNKVAVLLLAGGQGTRLGVTYPKGMYRVGLPSRKTLYQLQAERIRRVEQLAGERH
GTRCTVPWYVMTSEFTLGPTAEFFREHNFFHLDPANVVMFEQRLLPAVTFDGKVILERKDKVAMAPDGNGGLYCALEDHK
ILEDMERRGVEFVHVYCVDNILVRLADPVFIGFCVLQGADCGAKVVEKAYPEEPVGVVCQVDGVPQVVEYSEISPETAQL
RASDGSLLYNAGNICNHFFTRGFLKAVTREFEPLLKPHVAVKKVPYVDEEGNLVKPLKPNGIKMEKFVFDVFRFAKNFAA
LEVLREEEFSPLKNAEPADRDSPRTARQALLTQHYRWALRAGARFLDAHGAWLPELPSLPPNGDPPAICEISPLVSYSGE
GLEVYLQGREFQSPLILDEDQAREPQLQES
;
_entity_poly.pdbx_strand_id   A
#
# COMPACT_ATOMS: atom_id res chain seq x y z
N GLY A 1 36.33 9.11 2.38
CA GLY A 1 37.19 7.93 2.32
C GLY A 1 37.22 7.24 0.96
N PRO A 2 38.32 6.49 0.67
CA PRO A 2 38.48 5.90 -0.67
C PRO A 2 37.44 4.85 -1.04
N GLU A 3 37.93 3.63 -1.32
CA GLU A 3 37.13 2.64 -2.05
C GLU A 3 37.81 1.28 -2.10
N LEU A 4 37.70 0.50 -1.01
CA LEU A 4 38.45 -0.74 -0.85
C LEU A 4 37.56 -1.96 -1.13
N MET A 5 38.16 -2.97 -1.74
CA MET A 5 37.35 -4.07 -2.25
C MET A 5 38.23 -5.26 -2.56
N ASN A 6 37.90 -6.40 -1.97
CA ASN A 6 38.64 -7.63 -2.18
C ASN A 6 37.87 -8.46 -3.20
N ILE A 7 38.39 -8.52 -4.42
CA ILE A 7 37.64 -9.23 -5.45
C ILE A 7 37.96 -10.72 -5.44
N ASN A 8 39.14 -11.13 -4.95
CA ASN A 8 39.38 -12.56 -4.75
C ASN A 8 38.32 -13.15 -3.83
N ASP A 9 38.12 -12.52 -2.67
CA ASP A 9 37.05 -12.92 -1.78
C ASP A 9 35.70 -12.88 -2.46
N LEU A 10 35.48 -11.96 -3.38
CA LEU A 10 34.19 -11.90 -4.06
C LEU A 10 33.98 -13.14 -4.91
N LYS A 11 34.89 -13.40 -5.86
CA LYS A 11 34.77 -14.57 -6.72
C LYS A 11 34.63 -15.84 -5.89
N LEU A 12 35.39 -15.95 -4.80
CA LEU A 12 35.31 -17.09 -3.90
C LEU A 12 33.88 -17.32 -3.44
N THR A 13 33.37 -16.40 -2.62
CA THR A 13 31.95 -16.36 -2.27
C THR A 13 31.03 -16.70 -3.43
N LEU A 14 31.19 -16.01 -4.56
CA LEU A 14 30.30 -16.22 -5.69
C LEU A 14 30.46 -17.60 -6.28
N SER A 15 31.68 -18.13 -6.33
CA SER A 15 31.84 -19.52 -6.75
C SER A 15 31.09 -20.45 -5.81
N LYS A 16 31.13 -20.18 -4.52
CA LYS A 16 30.41 -21.01 -3.57
C LYS A 16 28.91 -20.89 -3.79
N ALA A 17 28.37 -19.68 -3.66
CA ALA A 17 26.98 -19.43 -3.99
C ALA A 17 26.62 -19.85 -5.41
N GLY A 18 27.62 -20.11 -6.25
CA GLY A 18 27.38 -20.57 -7.60
C GLY A 18 26.99 -19.48 -8.57
N GLN A 19 27.39 -18.24 -8.30
CA GLN A 19 26.92 -17.08 -9.05
C GLN A 19 28.07 -16.36 -9.73
N GLU A 20 29.16 -17.08 -10.02
CA GLU A 20 30.35 -16.52 -10.67
C GLU A 20 29.95 -15.68 -11.88
N HIS A 21 28.80 -15.98 -12.47
CA HIS A 21 28.37 -15.32 -13.70
C HIS A 21 28.25 -13.82 -13.53
N LEU A 22 27.89 -13.36 -12.34
CA LEU A 22 27.74 -11.92 -12.06
C LEU A 22 29.04 -11.15 -12.24
N LEU A 23 30.16 -11.79 -12.57
CA LEU A 23 31.42 -11.07 -12.71
C LEU A 23 31.97 -11.04 -14.12
N ARG A 24 31.20 -11.47 -15.13
CA ARG A 24 31.74 -11.67 -16.47
C ARG A 24 31.82 -10.38 -17.28
N PHE A 25 31.21 -9.31 -16.81
CA PHE A 25 31.41 -8.01 -17.40
C PHE A 25 32.47 -7.23 -16.67
N TRP A 26 33.14 -7.84 -15.69
CA TRP A 26 33.89 -7.06 -14.72
C TRP A 26 35.09 -6.40 -15.35
N ASN A 27 35.82 -7.13 -16.19
CA ASN A 27 36.93 -6.56 -16.95
C ASN A 27 36.49 -6.00 -18.28
N GLU A 28 35.21 -5.62 -18.41
CA GLU A 28 34.71 -4.86 -19.55
C GLU A 28 34.18 -3.50 -19.12
N LEU A 29 34.48 -3.06 -17.89
CA LEU A 29 33.88 -1.89 -17.28
C LEU A 29 34.94 -1.07 -16.54
N GLU A 30 34.58 0.18 -16.23
CA GLU A 30 35.53 1.15 -15.69
C GLU A 30 35.40 1.27 -14.18
N GLU A 31 36.34 2.04 -13.59
CA GLU A 31 36.56 1.98 -12.15
C GLU A 31 35.35 2.45 -11.36
N ALA A 32 34.69 3.50 -11.81
CA ALA A 32 33.47 3.93 -11.13
C ALA A 32 32.37 2.88 -11.29
N GLN A 33 32.10 2.44 -12.52
CA GLN A 33 31.16 1.34 -12.71
C GLN A 33 31.55 0.14 -11.85
N GLN A 34 32.85 -0.09 -11.65
CA GLN A 34 33.29 -1.24 -10.88
C GLN A 34 33.07 -1.06 -9.37
N VAL A 35 33.30 0.14 -8.82
CA VAL A 35 33.08 0.32 -7.37
C VAL A 35 31.60 0.13 -7.03
N GLU A 36 30.71 0.56 -7.93
CA GLU A 36 29.28 0.45 -7.70
C GLU A 36 28.87 -1.02 -7.53
N LEU A 37 29.21 -1.85 -8.53
CA LEU A 37 28.72 -3.22 -8.56
C LEU A 37 29.22 -4.00 -7.34
N TYR A 38 30.44 -3.71 -6.89
CA TYR A 38 31.00 -4.41 -5.75
C TYR A 38 30.14 -4.19 -4.51
N ALA A 39 30.03 -2.93 -4.08
CA ALA A 39 29.22 -2.60 -2.92
C ALA A 39 27.87 -3.28 -3.01
N GLU A 40 27.33 -3.39 -4.24
CA GLU A 40 26.00 -3.94 -4.41
C GLU A 40 26.00 -5.45 -4.20
N LEU A 41 26.88 -6.16 -4.90
CA LEU A 41 27.09 -7.57 -4.61
C LEU A 41 27.44 -7.79 -3.15
N GLN A 42 28.47 -7.08 -2.65
CA GLN A 42 28.83 -7.18 -1.24
C GLN A 42 27.60 -7.03 -0.34
N ALA A 43 26.72 -6.08 -0.67
CA ALA A 43 25.49 -5.89 0.10
C ALA A 43 24.73 -7.20 0.28
N MET A 44 24.49 -7.92 -0.81
CA MET A 44 23.61 -9.08 -0.80
C MET A 44 24.13 -10.17 0.13
N ASN A 45 23.26 -11.16 0.38
CA ASN A 45 23.57 -12.39 1.11
C ASN A 45 23.05 -13.55 0.28
N PHE A 46 23.95 -14.34 -0.31
CA PHE A 46 23.53 -15.36 -1.25
C PHE A 46 23.05 -16.63 -0.59
N GLU A 47 23.42 -16.88 0.66
CA GLU A 47 22.88 -18.06 1.30
C GLU A 47 21.45 -17.82 1.79
N GLU A 48 21.16 -16.62 2.31
CA GLU A 48 19.76 -16.30 2.60
C GLU A 48 18.94 -16.13 1.32
N LEU A 49 19.60 -15.73 0.22
CA LEU A 49 18.91 -15.58 -1.06
C LEU A 49 18.54 -16.93 -1.63
N ASN A 50 19.54 -17.79 -1.85
CA ASN A 50 19.31 -19.19 -2.15
C ASN A 50 18.34 -19.83 -1.19
N PHE A 51 18.13 -19.21 -0.02
CA PHE A 51 17.15 -19.73 0.93
C PHE A 51 15.73 -19.27 0.60
N PHE A 52 15.52 -17.95 0.47
CA PHE A 52 14.19 -17.49 0.08
C PHE A 52 13.80 -18.03 -1.28
N PHE A 53 14.78 -18.27 -2.14
CA PHE A 53 14.46 -18.88 -3.42
C PHE A 53 13.94 -20.30 -3.24
N GLN A 54 14.63 -21.09 -2.43
CA GLN A 54 14.13 -22.42 -2.12
C GLN A 54 12.73 -22.33 -1.57
N LYS A 55 12.56 -21.58 -0.47
CA LYS A 55 11.26 -21.21 0.05
C LYS A 55 10.31 -20.87 -1.09
N ALA A 56 10.76 -20.08 -2.06
CA ALA A 56 9.90 -19.74 -3.18
C ALA A 56 9.55 -20.99 -3.98
N ILE A 57 10.55 -21.73 -4.45
CA ILE A 57 10.29 -22.92 -5.26
C ILE A 57 9.32 -23.85 -4.54
N GLU A 58 9.59 -24.12 -3.31
CA GLU A 58 8.68 -24.95 -2.56
C GLU A 58 7.28 -24.33 -2.42
N GLY A 59 6.93 -23.22 -3.05
CA GLY A 59 5.63 -22.63 -2.87
C GLY A 59 4.69 -22.87 -4.03
N PHE A 60 4.31 -24.13 -4.23
CA PHE A 60 3.52 -24.56 -5.39
C PHE A 60 2.49 -25.63 -4.98
N ALA A 71 -6.92 -27.65 -3.78
CA ALA A 71 -7.34 -26.53 -2.95
C ALA A 71 -8.87 -26.48 -2.78
N ALA A 72 -9.45 -27.57 -2.29
CA ALA A 72 -10.86 -27.59 -1.92
C ALA A 72 -11.07 -27.23 -0.45
N ARG A 73 -9.99 -26.97 0.29
CA ARG A 73 -10.07 -26.64 1.70
C ARG A 73 -10.58 -25.24 1.94
N LEU A 74 -11.07 -24.55 0.90
CA LEU A 74 -11.55 -23.19 1.03
C LEU A 74 -13.04 -23.16 1.30
N ARG A 75 -13.42 -22.44 2.34
CA ARG A 75 -14.77 -21.96 2.48
C ARG A 75 -14.75 -20.44 2.44
N PRO A 76 -15.87 -19.82 2.06
CA PRO A 76 -15.94 -18.36 2.06
C PRO A 76 -15.86 -17.80 3.46
N LEU A 77 -15.87 -16.49 3.58
CA LEU A 77 -15.93 -15.99 4.94
C LEU A 77 -17.38 -16.03 5.45
N PRO A 78 -17.57 -16.42 6.71
CA PRO A 78 -18.93 -16.56 7.28
C PRO A 78 -19.64 -15.22 7.38
N PRO A 79 -20.67 -15.11 8.23
CA PRO A 79 -21.03 -13.79 8.77
C PRO A 79 -20.17 -13.38 9.95
N GLU A 80 -19.49 -14.36 10.57
CA GLU A 80 -18.97 -14.20 11.93
C GLU A 80 -17.83 -13.20 11.97
N ARG A 81 -16.87 -13.33 11.07
CA ARG A 81 -15.72 -12.45 11.08
C ARG A 81 -15.87 -11.28 10.13
N VAL A 82 -17.11 -11.01 9.64
CA VAL A 82 -17.38 -10.05 8.56
C VAL A 82 -18.43 -9.05 9.01
N GLY A 83 -18.10 -7.75 8.92
CA GLY A 83 -19.03 -6.71 9.27
C GLY A 83 -19.24 -5.78 8.09
N ARG A 84 -20.36 -5.06 8.12
CA ARG A 84 -20.76 -4.19 7.01
C ARG A 84 -21.41 -2.91 7.51
N SER A 88 -27.66 3.20 7.53
CA SER A 88 -26.56 2.29 7.81
C SER A 88 -26.39 2.02 9.31
N ASP A 89 -27.51 1.97 10.03
CA ASP A 89 -27.60 1.74 11.48
C ASP A 89 -26.78 2.77 12.26
N PRO A 90 -27.17 4.05 12.25
CA PRO A 90 -26.49 5.04 13.10
C PRO A 90 -26.67 4.78 14.60
N GLU A 91 -26.70 3.51 14.99
CA GLU A 91 -26.66 3.12 16.39
C GLU A 91 -25.36 2.41 16.76
N THR A 92 -24.63 1.92 15.77
CA THR A 92 -23.37 1.20 15.95
C THR A 92 -22.24 1.81 15.14
N ARG A 93 -22.51 2.23 13.90
CA ARG A 93 -21.61 3.15 13.22
C ARG A 93 -21.29 4.32 14.13
N ARG A 94 -22.29 4.80 14.86
CA ARG A 94 -22.05 5.78 15.92
C ARG A 94 -20.95 5.29 16.85
N ARG A 95 -21.09 4.07 17.37
CA ARG A 95 -20.10 3.54 18.30
C ARG A 95 -18.72 3.52 17.66
N TRP A 96 -18.61 2.86 16.50
CA TRP A 96 -17.30 2.71 15.86
C TRP A 96 -16.67 4.05 15.58
N GLU A 97 -17.40 4.92 14.88
CA GLU A 97 -16.92 6.29 14.70
C GLU A 97 -16.52 6.89 16.03
N GLU A 98 -17.33 6.69 17.07
CA GLU A 98 -17.00 7.25 18.39
C GLU A 98 -15.79 6.57 19.01
N GLU A 99 -15.86 5.24 19.22
CA GLU A 99 -14.77 4.58 19.95
C GLU A 99 -13.47 4.66 19.17
N GLY A 100 -13.53 4.55 17.85
CA GLY A 100 -12.37 4.86 17.05
C GLY A 100 -11.85 6.22 17.45
N PHE A 101 -12.64 7.26 17.17
CA PHE A 101 -12.27 8.64 17.45
C PHE A 101 -11.65 8.79 18.83
N ARG A 102 -12.18 8.08 19.83
CA ARG A 102 -11.63 8.21 21.17
C ARG A 102 -10.17 7.77 21.21
N GLN A 103 -9.80 6.82 20.35
CA GLN A 103 -8.41 6.38 20.33
C GLN A 103 -7.50 7.41 19.70
N ILE A 104 -7.96 8.03 18.62
CA ILE A 104 -7.12 9.01 17.94
C ILE A 104 -6.68 10.07 18.93
N SER A 105 -7.66 10.62 19.64
CA SER A 105 -7.46 11.69 20.61
C SER A 105 -6.47 11.35 21.70
N LEU A 106 -6.29 10.07 21.98
CA LEU A 106 -5.35 9.62 23.00
C LEU A 106 -3.96 9.33 22.45
N ASN A 107 -3.80 9.34 21.13
CA ASN A 107 -2.53 9.14 20.43
C ASN A 107 -2.12 7.68 20.31
N LYS A 108 -3.06 6.74 20.48
CA LYS A 108 -2.77 5.34 20.27
C LYS A 108 -3.10 4.88 18.86
N VAL A 109 -3.15 5.80 17.90
CA VAL A 109 -3.28 5.45 16.49
C VAL A 109 -2.12 6.05 15.72
N ALA A 110 -1.49 5.22 14.89
CA ALA A 110 -0.52 5.66 13.90
C ALA A 110 -0.99 5.16 12.55
N VAL A 111 -0.47 5.76 11.49
CA VAL A 111 -0.65 5.23 10.16
C VAL A 111 0.67 4.59 9.72
N LEU A 112 0.62 3.93 8.58
CA LEU A 112 1.83 3.38 8.00
C LEU A 112 1.61 3.32 6.50
N LEU A 113 2.40 4.11 5.77
CA LEU A 113 2.30 4.23 4.33
C LEU A 113 3.18 3.20 3.64
N LEU A 114 2.58 2.44 2.73
CA LEU A 114 3.30 1.46 1.92
C LEU A 114 3.65 2.13 0.60
N ALA A 115 4.79 2.79 0.58
CA ALA A 115 5.25 3.53 -0.59
C ALA A 115 6.63 3.00 -0.93
N GLY A 116 6.67 1.81 -1.54
CA GLY A 116 7.94 1.16 -1.78
C GLY A 116 8.26 0.85 -3.23
N GLY A 117 7.21 0.68 -4.04
CA GLY A 117 7.40 0.31 -5.43
C GLY A 117 6.56 -0.90 -5.80
N GLN A 118 5.25 -0.82 -5.55
CA GLN A 118 4.29 -1.85 -5.99
C GLN A 118 3.93 -1.56 -7.44
N GLY A 119 4.31 -2.46 -8.34
CA GLY A 119 4.02 -2.30 -9.76
C GLY A 119 4.91 -1.27 -10.40
N THR A 120 5.00 -1.27 -11.73
CA THR A 120 5.89 -0.33 -12.42
C THR A 120 5.15 0.72 -13.23
N ARG A 121 4.05 0.35 -13.89
CA ARG A 121 3.39 1.13 -14.94
C ARG A 121 2.93 2.52 -14.50
N LEU A 122 3.65 3.15 -13.58
CA LEU A 122 3.51 4.58 -13.34
C LEU A 122 4.70 5.31 -13.95
N GLY A 123 4.58 6.62 -14.06
CA GLY A 123 5.67 7.43 -14.55
C GLY A 123 7.01 7.06 -13.94
N VAL A 124 7.71 6.13 -14.60
CA VAL A 124 8.91 5.48 -14.08
C VAL A 124 10.01 6.49 -13.77
N THR A 125 9.76 7.37 -12.80
CA THR A 125 10.77 8.31 -12.36
C THR A 125 10.57 8.62 -10.87
N TYR A 126 9.44 9.21 -10.54
CA TYR A 126 9.18 9.67 -9.19
C TYR A 126 8.12 8.81 -8.52
N PRO A 127 8.13 8.74 -7.20
CA PRO A 127 7.24 7.81 -6.48
C PRO A 127 5.77 8.06 -6.75
N LYS A 128 5.00 7.00 -6.57
CA LYS A 128 3.57 7.03 -6.83
C LYS A 128 2.88 8.17 -6.08
N GLY A 129 3.16 8.30 -4.78
CA GLY A 129 2.44 9.26 -3.93
C GLY A 129 2.56 10.70 -4.37
N MET A 130 3.57 11.03 -5.17
CA MET A 130 3.76 12.36 -5.73
C MET A 130 3.01 12.56 -7.03
N TYR A 131 2.26 11.57 -7.50
CA TYR A 131 1.66 11.69 -8.81
C TYR A 131 0.53 12.71 -8.76
N ARG A 132 0.41 13.50 -9.83
CA ARG A 132 -0.57 14.58 -9.94
C ARG A 132 -1.69 14.08 -10.84
N VAL A 133 -2.76 13.60 -10.22
CA VAL A 133 -3.87 13.02 -10.96
C VAL A 133 -4.60 14.04 -11.82
N GLY A 134 -4.34 15.33 -11.60
CA GLY A 134 -5.03 16.39 -12.29
C GLY A 134 -6.14 16.99 -11.48
N LEU A 135 -6.08 16.89 -10.16
CA LEU A 135 -7.13 17.48 -9.35
C LEU A 135 -7.19 18.98 -9.60
N PRO A 136 -8.38 19.59 -9.49
CA PRO A 136 -8.46 21.05 -9.44
C PRO A 136 -7.51 21.65 -8.46
N SER A 137 -7.28 20.99 -7.33
CA SER A 137 -6.27 21.43 -6.37
C SER A 137 -4.86 21.18 -6.85
N ARG A 138 -4.67 20.52 -7.99
CA ARG A 138 -3.34 20.26 -8.52
C ARG A 138 -2.47 19.48 -7.53
N LYS A 139 -3.14 18.82 -6.59
CA LYS A 139 -2.53 18.10 -5.48
C LYS A 139 -2.09 16.69 -5.88
N THR A 140 -1.00 16.24 -5.24
CA THR A 140 -0.50 14.88 -5.31
C THR A 140 -1.11 14.04 -4.20
N LEU A 141 -0.91 12.72 -4.32
CA LEU A 141 -1.56 11.81 -3.36
C LEU A 141 -0.96 11.96 -1.98
N TYR A 142 0.37 12.15 -1.92
CA TYR A 142 1.00 12.43 -0.64
C TYR A 142 0.25 13.53 0.10
N GLN A 143 0.02 14.64 -0.57
CA GLN A 143 -0.75 15.74 0.01
C GLN A 143 -2.07 15.27 0.59
N LEU A 144 -2.97 14.78 -0.29
CA LEU A 144 -4.28 14.33 0.16
C LEU A 144 -4.17 13.43 1.37
N GLN A 145 -3.12 12.62 1.42
CA GLN A 145 -2.95 11.77 2.58
C GLN A 145 -2.62 12.59 3.81
N ALA A 146 -1.71 13.55 3.69
CA ALA A 146 -1.34 14.33 4.86
C ALA A 146 -2.54 15.11 5.37
N GLU A 147 -3.24 15.77 4.46
CA GLU A 147 -4.35 16.61 4.88
C GLU A 147 -5.45 15.78 5.49
N ARG A 148 -5.60 14.54 5.02
CA ARG A 148 -6.52 13.64 5.68
C ARG A 148 -6.12 13.43 7.13
N ILE A 149 -4.82 13.27 7.40
CA ILE A 149 -4.44 13.05 8.80
C ILE A 149 -4.66 14.31 9.61
N ARG A 150 -4.32 15.48 9.06
CA ARG A 150 -4.68 16.71 9.77
C ARG A 150 -6.17 16.75 10.04
N ARG A 151 -6.98 16.27 9.12
CA ARG A 151 -8.40 16.37 9.39
C ARG A 151 -8.86 15.34 10.41
N VAL A 152 -8.28 14.14 10.39
CA VAL A 152 -8.69 13.12 11.37
C VAL A 152 -8.21 13.53 12.76
N GLU A 153 -7.13 14.30 12.83
CA GLU A 153 -6.67 14.84 14.11
C GLU A 153 -7.68 15.84 14.68
N GLN A 154 -7.94 16.92 13.93
CA GLN A 154 -8.86 17.95 14.38
C GLN A 154 -10.19 17.36 14.81
N LEU A 155 -10.74 16.42 14.02
CA LEU A 155 -12.04 15.86 14.36
C LEU A 155 -11.99 15.13 15.70
N ALA A 156 -10.88 14.49 16.04
CA ALA A 156 -10.78 13.82 17.33
C ALA A 156 -10.35 14.75 18.45
N GLY A 157 -9.67 15.86 18.14
CA GLY A 157 -9.24 16.77 19.19
C GLY A 157 -10.38 17.61 19.73
N GLU A 158 -11.23 18.10 18.84
CA GLU A 158 -12.36 18.91 19.29
C GLU A 158 -13.50 18.05 19.80
N ARG A 159 -13.65 16.83 19.28
CA ARG A 159 -14.57 15.85 19.84
C ARG A 159 -14.14 15.38 21.22
N HIS A 160 -13.00 15.86 21.74
CA HIS A 160 -12.50 15.31 22.99
C HIS A 160 -11.73 16.31 23.84
N GLY A 161 -11.28 17.42 23.26
CA GLY A 161 -10.91 18.59 24.04
C GLY A 161 -9.44 18.80 24.36
N THR A 162 -8.54 18.09 23.68
CA THR A 162 -7.13 18.41 23.73
C THR A 162 -6.51 17.90 22.44
N ARG A 163 -5.42 18.54 22.02
CA ARG A 163 -4.78 18.21 20.76
C ARG A 163 -4.24 16.78 20.80
N CYS A 164 -3.95 16.25 19.61
CA CYS A 164 -3.47 14.88 19.50
C CYS A 164 -2.70 14.75 18.20
N THR A 165 -2.28 13.52 17.92
CA THR A 165 -1.48 13.22 16.76
C THR A 165 -1.73 11.78 16.36
N VAL A 166 -1.53 11.53 15.07
CA VAL A 166 -1.34 10.18 14.57
C VAL A 166 -0.03 10.25 13.81
N PRO A 167 0.99 9.57 14.29
CA PRO A 167 2.27 9.63 13.61
C PRO A 167 2.17 8.91 12.27
N TRP A 168 3.10 9.21 11.39
CA TRP A 168 3.01 8.80 9.99
C TRP A 168 4.27 8.03 9.63
N TYR A 169 4.31 6.74 10.00
CA TYR A 169 5.36 5.86 9.50
C TYR A 169 5.19 5.67 8.00
N VAL A 170 6.17 6.12 7.25
CA VAL A 170 6.20 5.96 5.81
C VAL A 170 7.29 4.96 5.50
N MET A 171 6.89 3.80 4.99
CA MET A 171 7.83 2.79 4.54
C MET A 171 8.18 3.07 3.09
N THR A 172 9.45 3.20 2.80
CA THR A 172 9.92 3.43 1.44
C THR A 172 10.99 2.40 1.11
N SER A 173 11.50 2.50 -0.11
CA SER A 173 12.60 1.69 -0.57
C SER A 173 13.68 2.63 -1.06
N GLU A 174 14.78 2.05 -1.54
CA GLU A 174 15.78 2.88 -2.20
C GLU A 174 15.18 3.65 -3.35
N PHE A 175 14.33 2.99 -4.12
CA PHE A 175 13.76 3.60 -5.32
C PHE A 175 12.90 4.82 -5.01
N THR A 176 12.37 4.93 -3.79
CA THR A 176 11.46 6.02 -3.50
C THR A 176 11.90 6.95 -2.38
N LEU A 177 12.79 6.51 -1.47
CA LEU A 177 13.07 7.30 -0.28
C LEU A 177 13.56 8.70 -0.62
N GLY A 178 14.63 8.79 -1.39
CA GLY A 178 15.25 10.06 -1.73
C GLY A 178 14.23 11.06 -2.23
N PRO A 179 13.58 10.75 -3.36
CA PRO A 179 12.57 11.67 -3.91
C PRO A 179 11.49 12.10 -2.94
N THR A 180 10.79 11.15 -2.30
CA THR A 180 9.70 11.52 -1.42
C THR A 180 10.20 12.42 -0.30
N ALA A 181 11.32 12.06 0.33
CA ALA A 181 11.86 12.92 1.38
C ALA A 181 12.12 14.32 0.84
N GLU A 182 12.64 14.42 -0.38
CA GLU A 182 12.86 15.73 -0.99
C GLU A 182 11.55 16.40 -1.34
N PHE A 183 10.51 15.63 -1.67
CA PHE A 183 9.20 16.23 -1.91
C PHE A 183 8.61 16.77 -0.61
N PHE A 184 8.64 15.96 0.45
CA PHE A 184 8.23 16.48 1.75
C PHE A 184 9.00 17.74 2.11
N ARG A 185 10.33 17.73 1.91
CA ARG A 185 11.20 18.85 2.28
C ARG A 185 10.73 20.16 1.65
N GLU A 186 10.85 20.28 0.33
CA GLU A 186 10.51 21.51 -0.38
C GLU A 186 9.04 21.88 -0.23
N HIS A 187 8.21 20.97 0.26
CA HIS A 187 6.80 21.24 0.50
C HIS A 187 6.51 21.51 1.97
N ASN A 188 7.54 21.79 2.78
CA ASN A 188 7.33 22.22 4.16
C ASN A 188 6.49 21.21 4.94
N PHE A 189 6.63 19.93 4.58
CA PHE A 189 6.03 18.79 5.29
C PHE A 189 4.52 18.88 5.41
N PHE A 190 3.87 19.46 4.39
CA PHE A 190 2.43 19.65 4.32
C PHE A 190 1.88 20.13 5.64
N HIS A 191 2.64 20.97 6.35
CA HIS A 191 2.26 21.55 7.62
C HIS A 191 2.23 20.53 8.77
N LEU A 192 2.84 19.36 8.60
CA LEU A 192 2.84 18.36 9.65
C LEU A 192 4.15 18.45 10.42
N ASP A 193 4.08 18.43 11.77
CA ASP A 193 5.29 18.47 12.57
C ASP A 193 6.16 17.27 12.25
N PRO A 194 7.29 17.47 11.57
CA PRO A 194 8.07 16.32 11.06
C PRO A 194 8.52 15.35 12.14
N ALA A 195 8.36 15.67 13.42
CA ALA A 195 8.56 14.66 14.44
C ALA A 195 7.58 13.49 14.26
N ASN A 196 6.38 13.73 13.73
CA ASN A 196 5.38 12.69 13.62
C ASN A 196 5.17 12.20 12.18
N VAL A 197 6.26 12.13 11.41
CA VAL A 197 6.28 11.50 10.09
C VAL A 197 7.64 10.83 9.93
N VAL A 198 7.64 9.51 9.81
CA VAL A 198 8.82 8.68 10.05
C VAL A 198 9.05 7.83 8.80
N MET A 199 9.87 8.34 7.87
CA MET A 199 10.21 7.56 6.70
C MET A 199 11.17 6.45 7.09
N PHE A 200 11.07 5.30 6.44
CA PHE A 200 12.09 4.27 6.66
C PHE A 200 12.21 3.40 5.41
N GLU A 201 12.85 2.24 5.54
CA GLU A 201 13.34 1.59 4.33
C GLU A 201 13.39 0.07 4.50
N GLN A 202 12.81 -0.60 3.52
CA GLN A 202 12.86 -2.04 3.43
C GLN A 202 14.06 -2.46 2.57
N ARG A 203 14.31 -3.75 2.59
CA ARG A 203 15.36 -4.35 1.79
C ARG A 203 14.89 -4.51 0.35
N LEU A 204 15.82 -4.80 -0.53
CA LEU A 204 15.51 -5.08 -1.91
C LEU A 204 15.91 -6.51 -2.21
N LEU A 205 15.21 -7.15 -3.14
CA LEU A 205 15.70 -8.47 -3.54
C LEU A 205 16.06 -8.51 -5.02
N PRO A 206 17.07 -9.31 -5.38
CA PRO A 206 17.45 -9.44 -6.79
C PRO A 206 16.48 -10.32 -7.54
N ALA A 207 16.21 -9.97 -8.79
CA ALA A 207 15.50 -10.89 -9.67
C ALA A 207 16.45 -12.01 -10.07
N VAL A 208 15.91 -13.21 -10.19
CA VAL A 208 16.71 -14.37 -10.49
C VAL A 208 16.07 -15.11 -11.66
N THR A 209 16.87 -15.91 -12.32
CA THR A 209 16.40 -16.74 -13.42
C THR A 209 15.62 -17.93 -12.88
N PHE A 210 14.92 -18.63 -13.78
CA PHE A 210 14.24 -19.87 -13.42
C PHE A 210 15.18 -20.88 -12.74
N ASP A 211 16.51 -20.72 -12.90
CA ASP A 211 17.50 -21.61 -12.31
C ASP A 211 17.93 -21.19 -10.91
N GLY A 212 17.69 -19.94 -10.54
CA GLY A 212 18.11 -19.40 -9.26
C GLY A 212 19.23 -18.38 -9.36
N LYS A 213 19.57 -17.95 -10.57
CA LYS A 213 20.74 -17.13 -10.80
C LYS A 213 20.33 -15.67 -10.91
N VAL A 214 20.97 -14.82 -10.12
CA VAL A 214 20.64 -13.40 -10.09
C VAL A 214 20.96 -12.79 -11.45
N ILE A 215 20.14 -11.79 -11.85
CA ILE A 215 20.17 -11.16 -13.18
C ILE A 215 20.84 -9.79 -13.12
N LEU A 216 21.66 -9.48 -14.13
CA LEU A 216 22.19 -8.12 -14.28
C LEU A 216 21.28 -7.33 -15.23
N GLU A 217 20.72 -6.23 -14.73
CA GLU A 217 19.94 -5.37 -15.62
C GLU A 217 20.83 -4.49 -16.47
N ARG A 218 22.15 -4.59 -16.29
CA ARG A 218 23.17 -4.11 -17.22
C ARG A 218 24.55 -4.49 -16.71
N LYS A 219 25.59 -3.92 -17.33
CA LYS A 219 26.96 -4.36 -17.06
C LYS A 219 27.32 -4.30 -15.58
N ASP A 220 26.79 -3.31 -14.85
CA ASP A 220 27.25 -2.99 -13.51
C ASP A 220 26.17 -3.09 -12.45
N LYS A 221 24.99 -3.57 -12.79
CA LYS A 221 23.85 -3.44 -11.91
C LYS A 221 23.15 -4.78 -11.78
N VAL A 222 22.84 -5.16 -10.54
CA VAL A 222 21.89 -6.23 -10.31
C VAL A 222 20.48 -5.70 -10.52
N ALA A 223 19.66 -6.51 -11.21
CA ALA A 223 18.24 -6.24 -11.33
C ALA A 223 17.58 -6.27 -9.95
N MET A 224 17.56 -5.12 -9.28
CA MET A 224 16.95 -5.04 -7.97
C MET A 224 15.56 -4.47 -8.11
N ALA A 225 14.77 -4.75 -7.10
CA ALA A 225 13.44 -4.23 -6.88
C ALA A 225 13.07 -4.58 -5.43
N PRO A 226 12.23 -3.79 -4.77
CA PRO A 226 11.95 -4.03 -3.35
C PRO A 226 11.30 -5.39 -3.14
N ASP A 227 11.36 -5.86 -1.90
CA ASP A 227 11.02 -7.26 -1.62
C ASP A 227 9.55 -7.47 -1.27
N GLY A 228 8.63 -6.77 -1.89
CA GLY A 228 7.28 -6.96 -1.40
C GLY A 228 6.95 -5.95 -0.31
N ASN A 229 5.69 -5.48 -0.32
CA ASN A 229 5.26 -4.62 0.77
C ASN A 229 5.10 -5.42 2.05
N GLY A 230 4.84 -6.73 1.95
CA GLY A 230 5.03 -7.62 3.08
C GLY A 230 6.43 -7.59 3.68
N GLY A 231 7.40 -6.98 2.99
CA GLY A 231 8.67 -6.65 3.63
C GLY A 231 8.59 -5.57 4.68
N LEU A 232 7.40 -5.03 4.93
CA LEU A 232 7.12 -4.19 6.08
C LEU A 232 7.78 -4.72 7.33
N TYR A 233 7.70 -6.03 7.53
CA TYR A 233 7.95 -6.58 8.85
C TYR A 233 9.42 -6.53 9.20
N CYS A 234 10.29 -6.79 8.22
CA CYS A 234 11.71 -6.60 8.48
C CYS A 234 12.07 -5.12 8.55
N ALA A 235 11.34 -4.25 7.85
CA ALA A 235 11.56 -2.81 8.01
C ALA A 235 11.27 -2.35 9.43
N LEU A 236 10.12 -2.76 9.99
CA LEU A 236 9.85 -2.45 11.39
C LEU A 236 10.90 -3.08 12.30
N GLU A 237 11.34 -4.29 11.95
CA GLU A 237 12.40 -4.94 12.72
C GLU A 237 13.72 -4.20 12.55
N ASP A 238 14.06 -3.79 11.34
CA ASP A 238 15.32 -3.12 11.06
C ASP A 238 15.35 -1.67 11.51
N HIS A 239 14.30 -1.16 12.17
CA HIS A 239 14.29 0.28 12.45
C HIS A 239 13.62 0.59 13.79
N LYS A 240 13.61 -0.36 14.72
CA LYS A 240 13.12 -0.15 16.09
C LYS A 240 11.75 0.50 16.11
N ILE A 241 10.93 0.21 15.08
CA ILE A 241 9.72 1.00 14.86
C ILE A 241 8.65 0.66 15.91
N LEU A 242 8.51 -0.62 16.23
CA LEU A 242 7.53 -1.02 17.21
C LEU A 242 7.87 -0.50 18.60
N GLU A 243 9.13 -0.15 18.83
CA GLU A 243 9.52 0.56 20.03
C GLU A 243 9.12 2.02 19.95
N ASP A 244 9.44 2.69 18.83
CA ASP A 244 9.01 4.07 18.64
C ASP A 244 7.50 4.22 18.81
N MET A 245 6.74 3.22 18.35
CA MET A 245 5.31 3.20 18.63
C MET A 245 5.06 2.90 20.11
N GLU A 246 5.78 1.95 20.68
CA GLU A 246 5.70 1.73 22.12
C GLU A 246 6.09 2.98 22.89
N ARG A 247 7.02 3.77 22.36
CA ARG A 247 7.50 4.97 23.05
C ARG A 247 6.62 6.19 22.81
N ARG A 248 5.64 6.12 21.92
CA ARG A 248 4.63 7.15 21.86
C ARG A 248 3.31 6.69 22.46
N GLY A 249 3.15 5.40 22.72
CA GLY A 249 1.89 4.85 23.16
C GLY A 249 1.01 4.34 22.04
N VAL A 250 1.44 4.50 20.78
CA VAL A 250 0.74 3.96 19.63
C VAL A 250 0.38 2.51 19.87
N GLU A 251 -0.91 2.20 19.96
CA GLU A 251 -1.32 0.82 20.13
C GLU A 251 -2.05 0.25 18.93
N PHE A 252 -2.51 1.08 18.01
CA PHE A 252 -3.12 0.60 16.79
C PHE A 252 -2.50 1.30 15.60
N VAL A 253 -2.22 0.54 14.54
CA VAL A 253 -1.65 1.13 13.34
C VAL A 253 -2.43 0.67 12.11
N HIS A 254 -2.89 1.66 11.36
CA HIS A 254 -3.63 1.47 10.12
C HIS A 254 -2.61 1.47 8.98
N VAL A 255 -2.36 0.29 8.43
CA VAL A 255 -1.49 0.12 7.27
C VAL A 255 -2.31 0.37 6.02
N TYR A 256 -1.69 0.96 4.99
CA TYR A 256 -2.43 1.26 3.78
C TYR A 256 -1.47 1.48 2.61
N CYS A 257 -2.02 1.35 1.41
CA CYS A 257 -1.26 1.42 0.18
C CYS A 257 -1.27 2.83 -0.41
N VAL A 258 -0.10 3.28 -0.86
CA VAL A 258 0.10 4.65 -1.30
C VAL A 258 -0.75 5.02 -2.50
N ASP A 259 -1.37 4.06 -3.18
CA ASP A 259 -2.00 4.32 -4.47
C ASP A 259 -3.48 4.63 -4.39
N ASN A 260 -4.10 4.56 -3.21
CA ASN A 260 -5.54 4.71 -3.15
C ASN A 260 -5.86 6.20 -3.03
N ILE A 261 -6.58 6.75 -3.99
CA ILE A 261 -6.81 8.17 -3.87
C ILE A 261 -7.88 8.47 -2.82
N LEU A 262 -8.65 7.47 -2.43
CA LEU A 262 -9.78 7.72 -1.55
C LEU A 262 -9.54 7.27 -0.12
N VAL A 263 -8.29 6.94 0.26
CA VAL A 263 -8.05 6.28 1.53
C VAL A 263 -8.64 7.07 2.67
N ARG A 264 -9.40 6.37 3.52
CA ARG A 264 -9.75 6.86 4.85
C ARG A 264 -8.55 6.69 5.77
N LEU A 265 -7.58 7.60 5.62
CA LEU A 265 -6.42 7.58 6.51
C LEU A 265 -6.87 7.56 7.96
N ALA A 266 -6.51 6.49 8.67
CA ALA A 266 -6.80 6.34 10.09
C ALA A 266 -8.29 6.36 10.41
N ASP A 267 -9.09 5.72 9.55
CA ASP A 267 -10.54 5.71 9.58
C ASP A 267 -11.14 5.37 10.93
N PRO A 268 -11.66 6.35 11.65
CA PRO A 268 -12.25 6.08 12.98
C PRO A 268 -13.25 4.95 13.00
N VAL A 269 -14.10 4.87 11.97
CA VAL A 269 -14.98 3.72 11.86
C VAL A 269 -14.18 2.43 11.77
N PHE A 270 -13.03 2.45 11.08
CA PHE A 270 -12.24 1.23 10.94
C PHE A 270 -11.62 0.84 12.29
N ILE A 271 -11.03 1.80 12.99
CA ILE A 271 -10.46 1.49 14.30
C ILE A 271 -11.56 1.09 15.27
N GLY A 272 -12.56 1.96 15.45
CA GLY A 272 -13.64 1.68 16.37
C GLY A 272 -14.23 0.31 16.13
N PHE A 273 -14.38 -0.06 14.86
CA PHE A 273 -14.89 -1.38 14.54
C PHE A 273 -13.96 -2.48 15.06
N CYS A 274 -12.70 -2.42 14.66
CA CYS A 274 -11.75 -3.47 14.99
C CYS A 274 -11.55 -3.62 16.49
N VAL A 275 -11.91 -2.60 17.26
CA VAL A 275 -11.78 -2.68 18.71
C VAL A 275 -12.99 -3.36 19.35
N LEU A 276 -14.19 -2.83 19.13
CA LEU A 276 -15.39 -3.53 19.58
C LEU A 276 -15.36 -4.99 19.15
N GLN A 277 -14.75 -5.30 18.01
CA GLN A 277 -14.59 -6.69 17.62
C GLN A 277 -13.57 -7.43 18.48
N GLY A 278 -12.73 -6.70 19.24
CA GLY A 278 -11.68 -7.36 19.98
C GLY A 278 -10.61 -8.03 19.13
N ALA A 279 -10.53 -7.65 17.87
CA ALA A 279 -9.65 -8.31 16.91
C ALA A 279 -8.23 -7.80 17.01
N ASP A 280 -7.28 -8.70 16.85
CA ASP A 280 -5.89 -8.26 16.87
C ASP A 280 -5.41 -7.71 15.55
N CYS A 281 -6.23 -7.78 14.51
CA CYS A 281 -5.74 -7.67 13.14
C CYS A 281 -6.88 -7.70 12.14
N GLY A 282 -7.08 -6.62 11.41
CA GLY A 282 -8.27 -6.48 10.59
C GLY A 282 -7.94 -5.85 9.26
N ALA A 283 -8.93 -5.86 8.36
CA ALA A 283 -8.71 -5.56 6.96
C ALA A 283 -9.99 -5.02 6.36
N LYS A 284 -9.85 -4.13 5.39
CA LYS A 284 -10.98 -3.64 4.65
C LYS A 284 -11.14 -4.43 3.35
N VAL A 285 -12.39 -4.63 2.93
CA VAL A 285 -12.73 -5.36 1.72
C VAL A 285 -13.86 -4.65 1.00
N VAL A 286 -14.01 -4.98 -0.28
CA VAL A 286 -15.12 -4.47 -1.08
C VAL A 286 -15.63 -5.60 -1.96
N GLU A 287 -16.89 -5.45 -2.36
CA GLU A 287 -17.47 -6.42 -3.29
C GLU A 287 -16.60 -6.50 -4.52
N LYS A 288 -16.14 -7.71 -4.82
CA LYS A 288 -15.43 -7.92 -6.07
C LYS A 288 -16.36 -7.56 -7.21
N ALA A 289 -15.88 -6.72 -8.12
CA ALA A 289 -16.70 -6.17 -9.18
C ALA A 289 -17.13 -7.24 -10.15
N TYR A 290 -16.16 -7.78 -10.85
CA TYR A 290 -16.36 -8.87 -11.78
C TYR A 290 -15.42 -9.99 -11.35
N PRO A 291 -15.65 -11.21 -11.80
CA PRO A 291 -14.94 -12.36 -11.22
C PRO A 291 -13.43 -12.30 -11.35
N GLU A 292 -12.90 -11.68 -12.41
CA GLU A 292 -11.47 -11.68 -12.68
C GLU A 292 -10.77 -10.48 -12.08
N GLU A 293 -11.50 -9.69 -11.33
CA GLU A 293 -10.96 -8.43 -10.89
C GLU A 293 -9.66 -8.65 -10.12
N PRO A 294 -8.66 -7.84 -10.36
CA PRO A 294 -7.39 -7.97 -9.63
C PRO A 294 -7.43 -7.54 -8.18
N VAL A 295 -8.12 -8.29 -7.32
CA VAL A 295 -8.10 -8.02 -5.89
C VAL A 295 -8.01 -9.34 -5.15
N GLY A 296 -7.07 -9.44 -4.22
CA GLY A 296 -6.99 -10.63 -3.41
C GLY A 296 -8.29 -10.82 -2.65
N VAL A 297 -8.68 -12.06 -2.46
CA VAL A 297 -9.93 -12.38 -1.79
C VAL A 297 -9.64 -12.88 -0.38
N VAL A 298 -10.46 -12.44 0.56
CA VAL A 298 -10.36 -12.85 1.96
C VAL A 298 -11.36 -13.97 2.22
N CYS A 299 -10.89 -15.08 2.75
CA CYS A 299 -11.71 -16.24 3.04
C CYS A 299 -10.86 -17.24 3.79
N GLN A 300 -11.50 -18.23 4.41
CA GLN A 300 -10.75 -19.23 5.16
C GLN A 300 -10.37 -20.40 4.28
N VAL A 301 -9.06 -20.61 4.12
CA VAL A 301 -8.51 -21.88 3.69
C VAL A 301 -8.03 -22.61 4.94
N ASP A 302 -8.26 -23.92 4.98
CA ASP A 302 -7.92 -24.70 6.16
C ASP A 302 -8.53 -24.07 7.41
N GLY A 303 -9.76 -23.56 7.28
CA GLY A 303 -10.53 -23.05 8.39
C GLY A 303 -10.06 -21.74 8.99
N VAL A 304 -8.97 -21.18 8.51
CA VAL A 304 -8.34 -19.98 9.07
C VAL A 304 -8.50 -18.84 8.07
N PRO A 305 -9.09 -17.72 8.47
CA PRO A 305 -9.38 -16.61 7.54
C PRO A 305 -8.12 -15.83 7.19
N GLN A 306 -7.77 -15.81 5.90
CA GLN A 306 -6.74 -14.90 5.40
C GLN A 306 -7.02 -14.60 3.93
N VAL A 307 -6.04 -13.97 3.28
CA VAL A 307 -6.18 -13.40 1.95
C VAL A 307 -5.41 -14.25 0.96
N VAL A 308 -5.99 -14.48 -0.20
CA VAL A 308 -5.26 -14.99 -1.35
C VAL A 308 -5.44 -13.99 -2.48
N GLU A 309 -4.33 -13.62 -3.13
CA GLU A 309 -4.40 -12.75 -4.29
C GLU A 309 -4.98 -13.49 -5.47
N TYR A 310 -6.00 -12.90 -6.10
CA TYR A 310 -6.75 -13.42 -7.25
C TYR A 310 -5.90 -14.23 -8.23
N SER A 311 -4.60 -13.88 -8.34
CA SER A 311 -3.67 -14.62 -9.17
C SER A 311 -3.35 -16.00 -8.60
N GLU A 312 -3.41 -16.14 -7.27
CA GLU A 312 -3.25 -17.45 -6.64
C GLU A 312 -4.58 -18.19 -6.59
N ILE A 313 -5.69 -17.44 -6.61
CA ILE A 313 -7.02 -18.01 -6.76
C ILE A 313 -7.11 -18.68 -8.13
N SER A 314 -7.48 -19.96 -8.12
CA SER A 314 -7.75 -20.64 -9.36
C SER A 314 -8.82 -19.88 -10.16
N PRO A 315 -8.69 -19.80 -11.47
CA PRO A 315 -9.63 -18.99 -12.26
C PRO A 315 -11.09 -19.43 -12.10
N GLU A 316 -11.43 -20.67 -12.47
CA GLU A 316 -12.83 -21.04 -12.58
C GLU A 316 -13.57 -21.12 -11.24
N THR A 317 -12.91 -20.85 -10.12
CA THR A 317 -13.55 -20.82 -8.81
C THR A 317 -14.14 -19.45 -8.47
N ALA A 318 -13.47 -18.36 -8.88
CA ALA A 318 -13.95 -17.01 -8.65
C ALA A 318 -15.32 -16.75 -9.24
N GLN A 319 -15.83 -17.65 -10.09
CA GLN A 319 -17.15 -17.55 -10.69
C GLN A 319 -18.24 -18.22 -9.87
N LEU A 320 -17.88 -19.00 -8.85
CA LEU A 320 -18.87 -19.61 -7.97
C LEU A 320 -19.68 -18.54 -7.26
N ARG A 321 -21.00 -18.68 -7.27
CA ARG A 321 -21.89 -17.72 -6.67
C ARG A 321 -22.55 -18.30 -5.43
N ALA A 322 -23.05 -17.40 -4.58
CA ALA A 322 -23.68 -17.76 -3.33
C ALA A 322 -25.19 -17.96 -3.52
N SER A 323 -25.85 -18.47 -2.48
CA SER A 323 -27.25 -18.87 -2.59
C SER A 323 -28.16 -17.73 -3.03
N ASP A 324 -27.84 -16.49 -2.64
CA ASP A 324 -28.61 -15.35 -3.13
C ASP A 324 -28.25 -14.98 -4.56
N GLY A 325 -27.08 -15.40 -5.03
CA GLY A 325 -26.60 -15.04 -6.35
C GLY A 325 -25.39 -14.13 -6.32
N SER A 326 -24.98 -13.66 -5.15
CA SER A 326 -23.75 -12.90 -5.05
C SER A 326 -22.56 -13.81 -5.36
N LEU A 327 -21.40 -13.19 -5.59
CA LEU A 327 -20.19 -13.96 -5.71
C LEU A 327 -19.88 -14.69 -4.41
N LEU A 328 -19.60 -15.98 -4.50
CA LEU A 328 -19.21 -16.69 -3.30
C LEU A 328 -17.95 -16.08 -2.71
N TYR A 329 -17.03 -15.62 -3.56
CA TYR A 329 -15.80 -15.00 -3.08
C TYR A 329 -15.77 -13.53 -3.46
N ASN A 330 -16.83 -12.83 -3.09
CA ASN A 330 -17.07 -11.42 -3.39
C ASN A 330 -16.16 -10.46 -2.63
N ALA A 331 -15.29 -10.94 -1.72
CA ALA A 331 -14.65 -10.07 -0.74
C ALA A 331 -13.18 -9.79 -1.10
N GLY A 332 -12.97 -8.80 -1.95
CA GLY A 332 -11.63 -8.43 -2.36
C GLY A 332 -11.00 -7.47 -1.36
N ASN A 333 -9.74 -7.73 -1.00
CA ASN A 333 -9.01 -6.92 -0.03
C ASN A 333 -8.41 -5.69 -0.68
N ILE A 334 -8.54 -4.53 -0.03
CA ILE A 334 -8.16 -3.28 -0.67
C ILE A 334 -6.92 -2.68 -0.04
N CYS A 335 -6.06 -3.54 0.52
CA CYS A 335 -4.80 -3.11 1.13
C CYS A 335 -5.05 -1.98 2.11
N ASN A 336 -5.76 -2.32 3.17
CA ASN A 336 -6.20 -1.32 4.16
C ASN A 336 -6.48 -2.11 5.43
N HIS A 337 -5.51 -2.12 6.32
CA HIS A 337 -5.52 -3.10 7.40
C HIS A 337 -5.36 -2.40 8.74
N PHE A 338 -5.75 -3.14 9.76
CA PHE A 338 -5.68 -2.72 11.14
C PHE A 338 -4.77 -3.70 11.84
N PHE A 339 -3.78 -3.17 12.55
CA PHE A 339 -2.81 -3.98 13.27
C PHE A 339 -2.60 -3.40 14.65
N THR A 340 -2.81 -4.21 15.69
CA THR A 340 -2.38 -3.80 17.03
C THR A 340 -0.87 -3.97 17.17
N ARG A 341 -0.23 -2.98 17.81
CA ARG A 341 1.23 -3.03 17.93
C ARG A 341 1.70 -4.29 18.63
N GLY A 342 0.82 -4.96 19.36
CA GLY A 342 1.14 -6.28 19.86
C GLY A 342 1.21 -7.33 18.77
N PHE A 343 0.30 -7.28 17.79
CA PHE A 343 0.36 -8.27 16.73
C PHE A 343 1.61 -8.05 15.87
N LEU A 344 1.99 -6.80 15.68
CA LEU A 344 3.20 -6.50 14.92
C LEU A 344 4.40 -7.16 15.55
N LYS A 345 4.57 -6.94 16.86
CA LYS A 345 5.67 -7.58 17.57
C LYS A 345 5.65 -9.08 17.34
N ALA A 346 4.47 -9.69 17.49
CA ALA A 346 4.34 -11.14 17.35
C ALA A 346 5.03 -11.63 16.08
N VAL A 347 4.80 -10.94 14.97
CA VAL A 347 5.20 -11.49 13.69
C VAL A 347 6.62 -11.10 13.34
N THR A 348 7.07 -9.96 13.82
CA THR A 348 8.45 -9.57 13.60
C THR A 348 9.39 -10.45 14.42
N ARG A 349 9.01 -10.72 15.66
CA ARG A 349 9.83 -11.53 16.53
C ARG A 349 9.41 -12.99 16.60
N GLU A 350 8.43 -13.42 15.78
CA GLU A 350 8.09 -14.84 15.80
C GLU A 350 7.38 -15.33 14.56
N PHE A 351 7.26 -14.54 13.49
CA PHE A 351 6.63 -15.12 12.29
C PHE A 351 7.26 -14.76 10.94
N GLU A 352 8.04 -13.68 10.80
CA GLU A 352 8.56 -13.35 9.46
C GLU A 352 9.31 -14.51 8.81
N PRO A 353 10.10 -15.33 9.54
CA PRO A 353 10.64 -16.54 8.93
C PRO A 353 9.61 -17.31 8.11
N LEU A 354 8.36 -17.24 8.54
CA LEU A 354 7.34 -18.11 7.98
C LEU A 354 6.65 -17.51 6.77
N LEU A 355 6.94 -16.26 6.44
CA LEU A 355 6.32 -15.58 5.29
C LEU A 355 6.95 -16.06 4.00
N LYS A 356 6.13 -16.70 3.18
CA LYS A 356 6.56 -17.15 1.87
C LYS A 356 6.98 -15.93 1.04
N PRO A 357 8.12 -16.00 0.35
CA PRO A 357 8.38 -15.03 -0.72
C PRO A 357 7.67 -15.53 -1.96
N HIS A 358 6.76 -14.73 -2.48
CA HIS A 358 5.95 -15.18 -3.59
C HIS A 358 6.63 -14.91 -4.91
N VAL A 359 6.66 -15.94 -5.74
CA VAL A 359 7.19 -15.85 -7.09
C VAL A 359 6.20 -15.09 -7.95
N ALA A 360 6.69 -14.04 -8.61
CA ALA A 360 5.99 -13.39 -9.71
C ALA A 360 6.86 -13.53 -10.96
N VAL A 361 6.42 -14.34 -11.92
CA VAL A 361 7.14 -14.61 -13.16
C VAL A 361 7.10 -13.37 -14.05
N LYS A 362 8.26 -12.76 -14.26
CA LYS A 362 8.32 -11.46 -14.92
C LYS A 362 9.16 -11.58 -16.19
N LYS A 363 9.08 -10.54 -17.02
CA LYS A 363 10.05 -10.33 -18.08
C LYS A 363 11.08 -9.35 -17.54
N VAL A 364 12.21 -9.87 -17.09
CA VAL A 364 13.25 -9.04 -16.49
C VAL A 364 14.20 -8.61 -17.61
N PRO A 365 14.16 -7.35 -18.03
CA PRO A 365 15.18 -6.87 -18.97
C PRO A 365 16.57 -7.12 -18.39
N TYR A 366 17.41 -7.75 -19.20
CA TYR A 366 18.68 -8.27 -18.73
C TYR A 366 19.74 -7.89 -19.76
N VAL A 367 20.97 -8.35 -19.54
CA VAL A 367 22.09 -7.86 -20.34
C VAL A 367 22.86 -9.01 -20.99
N ASP A 368 22.15 -10.07 -21.41
CA ASP A 368 22.65 -10.99 -22.43
C ASP A 368 23.94 -11.71 -22.04
N GLU A 369 24.72 -12.16 -23.03
CA GLU A 369 26.06 -12.69 -22.78
C GLU A 369 27.13 -11.90 -23.52
N GLU A 370 26.75 -11.06 -24.50
CA GLU A 370 27.63 -10.06 -25.08
C GLU A 370 27.25 -8.63 -24.70
N GLY A 371 26.02 -8.42 -24.22
CA GLY A 371 25.67 -7.16 -23.56
C GLY A 371 24.52 -6.37 -24.14
N ASN A 372 23.68 -6.99 -24.97
CA ASN A 372 22.74 -6.24 -25.79
C ASN A 372 21.68 -5.50 -24.97
N LEU A 373 21.46 -5.89 -23.71
CA LEU A 373 20.41 -5.28 -22.89
C LEU A 373 19.02 -5.59 -23.45
N VAL A 374 18.89 -6.73 -24.11
CA VAL A 374 17.62 -7.26 -24.59
C VAL A 374 16.65 -7.35 -23.42
N LYS A 375 15.35 -7.24 -23.68
CA LYS A 375 14.44 -7.26 -22.54
C LYS A 375 13.72 -8.60 -22.35
N PRO A 376 12.92 -9.05 -23.31
CA PRO A 376 11.84 -9.97 -22.97
C PRO A 376 12.00 -11.34 -23.59
N LEU A 377 11.36 -11.51 -24.75
CA LEU A 377 11.27 -12.77 -25.48
C LEU A 377 10.95 -13.92 -24.52
N LYS A 378 9.65 -13.95 -24.10
CA LYS A 378 9.09 -14.83 -23.08
C LYS A 378 9.59 -14.38 -21.71
N PRO A 379 8.74 -14.44 -20.67
CA PRO A 379 9.24 -14.26 -19.31
C PRO A 379 10.46 -15.15 -19.05
N ASN A 380 11.45 -14.56 -18.38
CA ASN A 380 12.75 -15.19 -18.22
C ASN A 380 13.21 -15.34 -16.77
N GLY A 381 12.63 -14.59 -15.86
CA GLY A 381 12.97 -14.70 -14.47
C GLY A 381 11.77 -14.44 -13.58
N ILE A 382 12.04 -14.21 -12.30
CA ILE A 382 10.99 -14.01 -11.31
C ILE A 382 11.43 -12.93 -10.34
N LYS A 383 10.44 -12.33 -9.68
CA LYS A 383 10.65 -11.45 -8.53
C LYS A 383 9.94 -12.09 -7.34
N MET A 384 10.73 -12.55 -6.38
CA MET A 384 10.16 -12.97 -5.11
C MET A 384 9.65 -11.75 -4.36
N GLU A 385 8.44 -11.84 -3.82
CA GLU A 385 7.98 -10.79 -2.93
C GLU A 385 7.27 -11.40 -1.72
N LYS A 386 7.27 -10.66 -0.62
CA LYS A 386 6.49 -10.99 0.55
C LYS A 386 5.29 -10.06 0.58
N PHE A 387 4.12 -10.63 0.83
CA PHE A 387 2.89 -9.86 0.79
C PHE A 387 2.44 -9.57 2.21
N VAL A 388 1.99 -8.34 2.43
CA VAL A 388 1.71 -7.92 3.80
C VAL A 388 0.58 -8.76 4.38
N PHE A 389 -0.34 -9.23 3.54
CA PHE A 389 -1.48 -9.90 4.14
C PHE A 389 -1.19 -11.34 4.51
N ASP A 390 -0.02 -11.88 4.14
CA ASP A 390 0.34 -13.22 4.58
C ASP A 390 0.18 -13.36 6.07
N VAL A 391 0.45 -12.28 6.81
CA VAL A 391 0.47 -12.29 8.27
C VAL A 391 -0.88 -12.58 8.87
N PHE A 392 -1.92 -12.65 8.04
CA PHE A 392 -3.26 -12.96 8.52
C PHE A 392 -3.35 -14.41 9.02
N ARG A 393 -2.76 -15.35 8.29
CA ARG A 393 -2.70 -16.75 8.70
C ARG A 393 -2.42 -16.87 10.19
N PHE A 394 -1.55 -16.00 10.71
CA PHE A 394 -1.16 -16.03 12.10
C PHE A 394 -2.09 -15.23 13.00
N ALA A 395 -3.19 -14.69 12.47
CA ALA A 395 -4.03 -13.86 13.30
C ALA A 395 -4.59 -14.67 14.45
N LYS A 396 -4.81 -13.99 15.57
CA LYS A 396 -5.42 -14.62 16.72
C LYS A 396 -6.91 -14.34 16.79
N ASN A 397 -7.38 -13.31 16.08
CA ASN A 397 -8.80 -12.98 15.96
C ASN A 397 -9.01 -11.99 14.82
N PHE A 398 -9.12 -12.48 13.60
CA PHE A 398 -9.06 -11.65 12.41
C PHE A 398 -10.42 -11.02 12.12
N ALA A 399 -10.44 -9.69 12.01
CA ALA A 399 -11.64 -8.96 11.63
C ALA A 399 -11.53 -8.49 10.19
N ALA A 400 -12.63 -7.95 9.69
CA ALA A 400 -12.73 -7.55 8.30
C ALA A 400 -13.96 -6.66 8.13
N LEU A 401 -13.78 -5.53 7.45
CA LEU A 401 -14.85 -4.57 7.24
C LEU A 401 -15.11 -4.49 5.73
N GLU A 402 -16.34 -4.76 5.32
CA GLU A 402 -16.77 -4.51 3.95
C GLU A 402 -17.03 -3.02 3.81
N VAL A 403 -16.39 -2.38 2.84
CA VAL A 403 -16.44 -0.94 2.69
C VAL A 403 -16.87 -0.60 1.27
N LEU A 404 -17.50 0.57 1.12
CA LEU A 404 -18.06 0.98 -0.17
C LEU A 404 -16.98 1.36 -1.16
N ARG A 405 -16.86 0.60 -2.25
CA ARG A 405 -15.83 0.85 -3.24
C ARG A 405 -15.82 2.33 -3.62
N GLU A 406 -16.96 2.84 -4.09
CA GLU A 406 -17.01 4.21 -4.62
C GLU A 406 -16.61 5.28 -3.60
N GLU A 407 -16.49 4.91 -2.32
CA GLU A 407 -16.22 5.88 -1.26
C GLU A 407 -14.80 5.83 -0.77
N GLU A 408 -14.18 4.65 -0.83
CA GLU A 408 -12.80 4.53 -0.41
C GLU A 408 -12.02 3.41 -1.09
N PHE A 409 -12.18 3.19 -2.39
CA PHE A 409 -11.19 2.34 -3.07
C PHE A 409 -11.15 2.70 -4.54
N SER A 410 -10.10 3.41 -4.95
CA SER A 410 -9.90 3.74 -6.37
C SER A 410 -8.40 3.82 -6.61
N PRO A 411 -7.80 2.75 -7.10
CA PRO A 411 -6.33 2.69 -7.18
C PRO A 411 -5.77 3.32 -8.44
N LEU A 412 -4.58 3.91 -8.27
CA LEU A 412 -3.79 4.46 -9.35
C LEU A 412 -2.70 3.44 -9.64
N LYS A 413 -2.86 2.71 -10.73
CA LYS A 413 -1.92 1.67 -11.11
C LYS A 413 -1.27 1.97 -12.44
N ASN A 414 -2.08 2.21 -13.48
CA ASN A 414 -1.61 2.49 -14.81
C ASN A 414 -1.42 3.98 -15.05
N ALA A 415 -0.42 4.31 -15.86
CA ALA A 415 -0.18 5.70 -16.22
C ALA A 415 -1.08 6.18 -17.35
N GLU A 416 -1.72 5.25 -18.06
CA GLU A 416 -2.45 5.60 -19.28
C GLU A 416 -3.91 5.93 -18.97
N PRO A 417 -4.32 7.22 -19.06
CA PRO A 417 -5.72 7.60 -18.87
C PRO A 417 -6.73 6.80 -19.68
N ALA A 418 -6.23 6.10 -20.69
CA ALA A 418 -7.09 5.19 -21.41
C ALA A 418 -7.56 4.09 -20.47
N ASP A 419 -6.65 3.56 -19.67
CA ASP A 419 -6.92 2.37 -18.88
C ASP A 419 -7.78 2.72 -17.67
N ARG A 420 -8.34 1.68 -17.07
CA ARG A 420 -8.94 1.84 -15.75
C ARG A 420 -7.82 2.06 -14.74
N ASP A 421 -8.20 2.38 -13.51
CA ASP A 421 -7.24 2.57 -12.43
C ASP A 421 -6.11 3.50 -12.88
N SER A 422 -6.51 4.71 -13.23
CA SER A 422 -5.70 5.68 -13.94
C SER A 422 -6.01 7.06 -13.41
N PRO A 423 -5.14 8.06 -13.66
CA PRO A 423 -5.43 9.42 -13.21
C PRO A 423 -6.84 9.85 -13.53
N ARG A 424 -7.30 9.56 -14.75
CA ARG A 424 -8.69 9.78 -15.12
C ARG A 424 -9.65 9.14 -14.12
N THR A 425 -9.39 7.89 -13.73
CA THR A 425 -10.35 7.29 -12.81
C THR A 425 -10.05 7.68 -11.36
N ALA A 426 -8.77 7.80 -11.00
CA ALA A 426 -8.42 8.38 -9.71
C ALA A 426 -9.07 9.74 -9.55
N ARG A 427 -8.90 10.60 -10.57
CA ARG A 427 -9.51 11.92 -10.59
C ARG A 427 -11.00 11.77 -10.39
N GLN A 428 -11.67 11.21 -11.40
CA GLN A 428 -13.13 11.20 -11.42
C GLN A 428 -13.69 10.61 -10.13
N ALA A 429 -13.10 9.52 -9.64
CA ALA A 429 -13.55 8.92 -8.39
C ALA A 429 -13.64 9.95 -7.28
N LEU A 430 -12.54 10.64 -7.01
CA LEU A 430 -12.53 11.63 -5.94
C LEU A 430 -13.50 12.77 -6.25
N LEU A 431 -13.37 13.36 -7.44
CA LEU A 431 -14.28 14.45 -7.80
C LEU A 431 -15.73 14.04 -7.70
N THR A 432 -16.05 12.84 -8.17
CA THR A 432 -17.39 12.31 -8.00
C THR A 432 -17.78 12.23 -6.53
N GLN A 433 -16.92 11.60 -5.72
CA GLN A 433 -17.18 11.46 -4.30
C GLN A 433 -17.58 12.79 -3.67
N HIS A 434 -16.68 13.77 -3.69
CA HIS A 434 -16.99 15.06 -3.08
C HIS A 434 -18.26 15.67 -3.67
N TYR A 435 -18.51 15.50 -4.96
CA TYR A 435 -19.79 15.96 -5.51
C TYR A 435 -20.95 15.38 -4.71
N ARG A 436 -20.89 14.10 -4.39
CA ARG A 436 -22.01 13.50 -3.65
C ARG A 436 -22.07 14.05 -2.24
N TRP A 437 -20.91 14.35 -1.65
CA TRP A 437 -20.90 15.00 -0.33
C TRP A 437 -21.64 16.32 -0.39
N ALA A 438 -21.34 17.14 -1.39
CA ALA A 438 -22.00 18.42 -1.53
C ALA A 438 -23.51 18.24 -1.67
N LEU A 439 -23.92 17.23 -2.43
CA LEU A 439 -25.35 16.95 -2.53
C LEU A 439 -25.91 16.65 -1.16
N ARG A 440 -25.39 15.61 -0.52
CA ARG A 440 -25.95 15.16 0.75
C ARG A 440 -25.80 16.22 1.84
N ALA A 441 -25.22 17.37 1.53
CA ALA A 441 -24.93 18.34 2.58
C ALA A 441 -25.67 19.65 2.37
N GLY A 442 -26.68 19.64 1.52
CA GLY A 442 -27.57 20.79 1.34
C GLY A 442 -27.32 21.63 0.11
N ALA A 443 -26.43 21.21 -0.77
CA ALA A 443 -26.04 22.01 -1.91
C ALA A 443 -26.65 21.43 -3.18
N ARG A 444 -27.26 22.30 -3.99
CA ARG A 444 -27.71 21.91 -5.33
C ARG A 444 -26.82 22.57 -6.37
N PHE A 445 -26.67 21.93 -7.51
CA PHE A 445 -25.82 22.48 -8.55
C PHE A 445 -26.61 23.11 -9.68
N LEU A 446 -25.89 23.83 -10.52
CA LEU A 446 -26.49 24.62 -11.58
C LEU A 446 -25.80 24.33 -12.89
N ASP A 447 -26.60 24.33 -13.95
CA ASP A 447 -26.13 24.27 -15.31
C ASP A 447 -25.55 25.62 -15.72
N ALA A 448 -25.10 25.71 -16.98
CA ALA A 448 -24.86 27.02 -17.58
C ALA A 448 -26.16 27.80 -17.82
N HIS A 449 -27.30 27.16 -17.51
CA HIS A 449 -28.61 27.79 -17.48
C HIS A 449 -29.34 27.28 -16.24
N GLY A 450 -28.76 27.51 -15.06
CA GLY A 450 -29.42 27.14 -13.81
C GLY A 450 -29.65 25.65 -13.68
N ALA A 451 -30.92 25.25 -13.62
CA ALA A 451 -31.32 23.83 -13.64
C ALA A 451 -30.67 23.10 -12.46
N TRP A 452 -30.34 21.84 -12.65
CA TRP A 452 -29.78 21.00 -11.60
C TRP A 452 -28.96 19.90 -12.24
N LEU A 453 -29.58 18.75 -12.44
CA LEU A 453 -29.03 17.68 -13.26
C LEU A 453 -29.93 17.50 -14.49
N ASP A 464 -17.90 11.56 -16.53
CA ASP A 464 -17.67 12.80 -15.79
C ASP A 464 -18.95 13.23 -15.05
N PRO A 465 -18.78 13.75 -13.83
CA PRO A 465 -19.94 14.15 -13.04
C PRO A 465 -20.57 15.40 -13.63
N PRO A 466 -21.79 15.76 -13.21
CA PRO A 466 -22.43 16.95 -13.79
C PRO A 466 -21.73 18.23 -13.45
N ALA A 467 -20.92 18.22 -12.39
CA ALA A 467 -20.28 19.42 -11.89
C ALA A 467 -18.96 19.07 -11.23
N ILE A 468 -17.90 19.78 -11.58
CA ILE A 468 -16.63 19.61 -10.89
C ILE A 468 -16.76 20.19 -9.49
N CYS A 469 -16.32 19.42 -8.49
CA CYS A 469 -16.21 19.93 -7.13
C CYS A 469 -15.17 19.11 -6.37
N GLU A 470 -14.14 19.79 -5.82
CA GLU A 470 -13.13 19.18 -4.96
C GLU A 470 -13.12 19.89 -3.62
N ILE A 471 -12.85 19.12 -2.57
CA ILE A 471 -13.03 19.56 -1.20
C ILE A 471 -11.80 19.12 -0.42
N SER A 472 -10.96 20.08 -0.02
CA SER A 472 -9.76 19.83 0.76
C SER A 472 -10.10 18.84 1.86
N PRO A 473 -9.29 17.81 2.07
CA PRO A 473 -9.48 17.00 3.28
C PRO A 473 -9.44 17.84 4.54
N LEU A 474 -8.70 18.96 4.49
CA LEU A 474 -8.73 19.95 5.56
C LEU A 474 -10.15 20.29 5.94
N VAL A 475 -10.97 20.57 4.92
CA VAL A 475 -12.33 21.03 5.13
C VAL A 475 -13.26 19.87 5.49
N SER A 476 -13.16 18.74 4.81
CA SER A 476 -13.92 17.58 5.24
C SER A 476 -13.18 16.30 4.90
N TYR A 477 -13.47 15.28 5.70
CA TYR A 477 -12.76 14.00 5.63
C TYR A 477 -13.63 12.87 5.11
N SER A 478 -14.86 12.72 5.61
CA SER A 478 -15.81 11.73 5.08
C SER A 478 -17.01 12.37 4.38
N GLY A 479 -17.09 13.68 4.33
CA GLY A 479 -18.26 14.40 3.84
C GLY A 479 -18.87 15.32 4.86
N GLU A 480 -18.31 15.33 6.06
CA GLU A 480 -18.92 15.96 7.21
C GLU A 480 -18.55 17.43 7.32
N GLY A 481 -19.31 18.14 8.16
CA GLY A 481 -19.07 19.54 8.40
C GLY A 481 -19.22 20.40 7.18
N LEU A 482 -19.99 19.93 6.20
CA LEU A 482 -20.16 20.70 4.99
C LEU A 482 -21.39 21.59 5.04
N GLU A 483 -22.37 21.28 5.89
CA GLU A 483 -23.62 22.05 5.86
C GLU A 483 -23.33 23.52 6.08
N VAL A 484 -22.42 23.83 6.99
CA VAL A 484 -22.13 25.23 7.30
C VAL A 484 -21.71 25.98 6.05
N TYR A 485 -20.96 25.32 5.18
CA TYR A 485 -20.48 25.95 3.96
C TYR A 485 -21.49 25.86 2.83
N LEU A 486 -22.12 24.71 2.66
CA LEU A 486 -22.86 24.40 1.44
C LEU A 486 -24.38 24.45 1.58
N GLN A 487 -24.91 24.13 2.76
CA GLN A 487 -26.34 23.92 2.89
C GLN A 487 -27.11 25.14 2.45
N GLY A 488 -28.09 24.93 1.56
CA GLY A 488 -28.99 25.97 1.11
C GLY A 488 -28.44 26.85 0.02
N ARG A 489 -27.18 26.74 -0.31
CA ARG A 489 -26.59 27.57 -1.33
C ARG A 489 -26.54 26.80 -2.64
N GLU A 490 -26.69 27.54 -3.75
CA GLU A 490 -26.52 27.00 -5.09
C GLU A 490 -25.15 27.39 -5.61
N PHE A 491 -24.61 26.58 -6.52
CA PHE A 491 -23.27 26.83 -7.05
C PHE A 491 -23.17 26.45 -8.53
N GLN A 492 -22.30 27.17 -9.24
CA GLN A 492 -22.02 26.91 -10.66
C GLN A 492 -20.63 26.29 -10.79
N SER A 493 -20.53 25.19 -11.52
CA SER A 493 -19.30 24.43 -11.62
C SER A 493 -18.17 25.32 -12.15
N PRO A 494 -16.97 25.27 -11.54
CA PRO A 494 -16.72 24.35 -10.45
C PRO A 494 -16.78 25.02 -9.10
N LEU A 495 -16.83 24.21 -8.05
CA LEU A 495 -16.86 24.71 -6.69
C LEU A 495 -15.68 24.09 -5.98
N ILE A 496 -14.73 24.94 -5.57
CA ILE A 496 -13.48 24.50 -4.95
C ILE A 496 -13.46 25.00 -3.51
N LEU A 497 -13.14 24.11 -2.58
CA LEU A 497 -13.30 24.42 -1.16
C LEU A 497 -12.00 24.17 -0.41
N ASP A 498 -11.35 25.25 0.02
CA ASP A 498 -10.17 25.16 0.87
C ASP A 498 -10.03 26.47 1.61
N GLU A 499 -9.11 26.50 2.57
CA GLU A 499 -8.88 27.71 3.36
C GLU A 499 -7.40 28.07 3.37
#